data_8CJ3
#
_entry.id   8CJ3
#
_cell.length_a   133.906
_cell.length_b   133.906
_cell.length_c   63.429
_cell.angle_alpha   90
_cell.angle_beta   90
_cell.angle_gamma   120
#
_symmetry.space_group_name_H-M   'P 64'
#
loop_
_entity.id
_entity.type
_entity.pdbx_description
1 polymer 'Histone chaperone ASF1A'
2 polymer 'c3u_7 chimera inhibitor of histone chaperone ASF1'
3 water water
#
loop_
_entity_poly.entity_id
_entity_poly.type
_entity_poly.pdbx_seq_one_letter_code
_entity_poly.pdbx_strand_id
1 'polypeptide(L)'
;GAMAKVQVNNVVVLDNPSPFYNPFQFEITFECIEDLSEDLEWKIIYVGSAESEEYDQVLDSVLVGPVPAGRHMFVFQADA
PNPGLIPDADAVGVTVVLITCTYRGQEFIRVGYYVNNEYTETELRENPPVKPDFSKLQRNILASNPRVTRFHINWEDN
;
A
2 'polypeptide(L)' (ACE)EK(ALN)ARL(QQ8)(OUR)(OUI)A(NH2) B
#
# COMPACT_ATOMS: atom_id res chain seq x y z
N MET A 3 -21.77 -6.11 11.42
CA MET A 3 -21.91 -7.05 10.31
C MET A 3 -20.62 -7.86 10.04
N ALA A 4 -19.51 -7.21 9.61
CA ALA A 4 -18.25 -7.92 9.39
C ALA A 4 -17.47 -7.97 10.70
N LYS A 5 -16.93 -9.15 11.11
CA LYS A 5 -16.19 -9.25 12.37
C LYS A 5 -15.05 -8.27 12.51
N VAL A 6 -14.37 -7.91 11.42
CA VAL A 6 -13.29 -6.93 11.50
C VAL A 6 -13.70 -5.74 10.69
N GLN A 7 -13.63 -4.55 11.27
CA GLN A 7 -14.00 -3.31 10.60
C GLN A 7 -12.79 -2.42 10.57
N VAL A 8 -12.27 -1.98 9.40
CA VAL A 8 -11.12 -1.09 9.39
C VAL A 8 -11.63 0.34 9.52
N ASN A 9 -11.26 1.01 10.60
CA ASN A 9 -11.72 2.34 10.91
C ASN A 9 -10.93 3.42 10.22
N ASN A 10 -9.60 3.26 10.09
CA ASN A 10 -8.79 4.35 9.54
C ASN A 10 -7.39 3.88 9.17
N VAL A 11 -6.76 4.53 8.18
CA VAL A 11 -5.37 4.25 7.80
C VAL A 11 -4.70 5.59 7.67
N VAL A 12 -3.65 5.84 8.45
CA VAL A 12 -2.93 7.11 8.38
C VAL A 12 -1.57 6.91 7.73
N VAL A 13 -1.27 7.68 6.69
CA VAL A 13 0.02 7.58 6.02
C VAL A 13 1.05 8.39 6.81
N LEU A 14 2.09 7.72 7.29
CA LEU A 14 3.14 8.34 8.08
C LEU A 14 4.38 8.62 7.23
N ASP A 15 5.26 9.56 7.70
CA ASP A 15 6.52 9.93 7.04
C ASP A 15 6.30 10.23 5.55
N ASN A 16 5.46 11.23 5.25
CA ASN A 16 5.07 11.52 3.88
C ASN A 16 4.98 13.01 3.58
N PRO A 17 5.58 13.50 2.47
CA PRO A 17 6.40 12.79 1.49
C PRO A 17 7.77 12.41 2.05
N SER A 18 8.51 11.57 1.32
CA SER A 18 9.80 11.08 1.76
C SER A 18 10.62 10.61 0.55
N PRO A 19 11.95 10.41 0.67
CA PRO A 19 12.72 9.86 -0.46
C PRO A 19 12.17 8.51 -0.89
N PHE A 20 12.36 8.15 -2.16
CA PHE A 20 11.87 6.89 -2.70
C PHE A 20 12.28 5.67 -1.88
N TYR A 21 13.54 5.64 -1.43
CA TYR A 21 14.07 4.50 -0.69
C TYR A 21 13.62 4.35 0.76
N ASN A 22 12.88 5.32 1.32
CA ASN A 22 12.39 5.20 2.69
C ASN A 22 11.30 4.12 2.79
N PRO A 23 11.23 3.37 3.89
CA PRO A 23 10.15 2.38 4.03
C PRO A 23 8.79 3.06 4.16
N PHE A 24 7.73 2.39 3.69
CA PHE A 24 6.35 2.85 3.82
C PHE A 24 5.92 2.63 5.26
N GLN A 25 5.09 3.53 5.82
CA GLN A 25 4.60 3.38 7.20
C GLN A 25 3.13 3.77 7.24
N PHE A 26 2.25 2.84 7.61
CA PHE A 26 0.81 3.11 7.65
C PHE A 26 0.28 2.77 9.03
N GLU A 27 -0.38 3.71 9.72
CA GLU A 27 -0.95 3.41 11.02
C GLU A 27 -2.40 2.98 10.84
N ILE A 28 -2.64 1.70 10.98
CA ILE A 28 -3.96 1.13 10.77
C ILE A 28 -4.72 0.94 12.06
N THR A 29 -5.99 1.31 12.06
CA THR A 29 -6.87 1.15 13.21
C THR A 29 -8.04 0.30 12.78
N PHE A 30 -8.31 -0.77 13.48
CA PHE A 30 -9.44 -1.65 13.15
C PHE A 30 -10.16 -2.11 14.40
N GLU A 31 -11.39 -2.49 14.27
CA GLU A 31 -12.22 -2.92 15.36
C GLU A 31 -12.65 -4.36 15.13
N CYS A 32 -12.58 -5.15 16.17
CA CYS A 32 -12.94 -6.54 16.12
C CYS A 32 -14.20 -6.70 16.98
N ILE A 33 -15.29 -7.14 16.35
CA ILE A 33 -16.57 -7.29 17.01
C ILE A 33 -16.57 -8.45 17.99
N GLU A 34 -15.97 -9.55 17.60
CA GLU A 34 -15.86 -10.75 18.44
C GLU A 34 -14.43 -11.26 18.36
N ASP A 35 -13.99 -12.07 19.33
CA ASP A 35 -12.65 -12.65 19.26
C ASP A 35 -12.49 -13.53 18.01
N LEU A 36 -11.37 -13.42 17.32
CA LEU A 36 -11.14 -14.19 16.11
C LEU A 36 -10.31 -15.43 16.40
N SER A 37 -10.82 -16.58 15.94
CA SER A 37 -10.17 -17.88 16.10
C SER A 37 -8.88 -17.96 15.27
N GLU A 38 -8.90 -17.37 14.10
CA GLU A 38 -7.77 -17.42 13.18
C GLU A 38 -6.96 -16.09 13.12
N ASP A 39 -6.01 -16.01 12.20
CA ASP A 39 -5.15 -14.84 12.01
C ASP A 39 -5.67 -13.95 10.89
N LEU A 40 -5.28 -12.69 10.94
CA LEU A 40 -5.53 -11.73 9.90
C LEU A 40 -4.19 -11.57 9.16
N GLU A 41 -4.18 -11.65 7.82
CA GLU A 41 -2.95 -11.44 7.07
C GLU A 41 -2.97 -10.12 6.35
N TRP A 42 -2.10 -9.21 6.79
CA TRP A 42 -2.02 -7.90 6.17
C TRP A 42 -0.90 -7.89 5.17
N LYS A 43 -1.08 -7.20 4.05
CA LYS A 43 -0.06 -7.09 3.00
C LYS A 43 0.04 -5.69 2.49
N ILE A 44 1.22 -5.30 2.04
CA ILE A 44 1.42 -4.04 1.34
C ILE A 44 1.93 -4.44 -0.03
N ILE A 45 1.25 -4.05 -1.10
CA ILE A 45 1.66 -4.40 -2.46
C ILE A 45 1.94 -3.10 -3.22
N TYR A 46 3.09 -3.02 -3.88
CA TYR A 46 3.45 -1.85 -4.66
C TYR A 46 3.21 -2.16 -6.12
N VAL A 47 2.44 -1.29 -6.82
CA VAL A 47 2.17 -1.51 -8.24
C VAL A 47 3.30 -0.88 -9.03
N GLY A 48 4.27 -1.72 -9.44
CA GLY A 48 5.41 -1.27 -10.23
C GLY A 48 4.99 -0.83 -11.63
N SER A 49 4.04 -1.58 -12.23
CA SER A 49 3.56 -1.27 -13.58
C SER A 49 2.03 -1.40 -13.68
N ALA A 50 1.38 -0.33 -14.11
CA ALA A 50 -0.06 -0.29 -14.26
C ALA A 50 -0.62 -1.28 -15.26
N GLU A 51 0.19 -1.64 -16.27
CA GLU A 51 -0.26 -2.52 -17.35
C GLU A 51 0.01 -3.99 -17.10
N SER A 52 1.09 -4.30 -16.35
CA SER A 52 1.46 -5.69 -16.12
C SER A 52 1.50 -6.10 -14.67
N GLU A 53 0.77 -7.16 -14.36
CA GLU A 53 0.62 -7.72 -13.03
C GLU A 53 1.95 -8.21 -12.48
N GLU A 54 2.78 -8.77 -13.34
CA GLU A 54 4.07 -9.33 -12.94
C GLU A 54 4.97 -8.35 -12.19
N TYR A 55 4.74 -7.05 -12.34
CA TYR A 55 5.58 -6.05 -11.69
C TYR A 55 5.00 -5.54 -10.36
N ASP A 56 3.95 -6.20 -9.81
CA ASP A 56 3.42 -5.88 -8.48
C ASP A 56 4.39 -6.52 -7.49
N GLN A 57 4.80 -5.78 -6.46
CA GLN A 57 5.75 -6.30 -5.47
C GLN A 57 5.13 -6.36 -4.12
N VAL A 58 5.09 -7.55 -3.48
CA VAL A 58 4.58 -7.64 -2.13
C VAL A 58 5.70 -7.16 -1.24
N LEU A 59 5.58 -5.94 -0.71
CA LEU A 59 6.63 -5.34 0.10
C LEU A 59 6.79 -6.00 1.47
N ASP A 60 5.67 -6.34 2.12
CA ASP A 60 5.67 -7.05 3.40
C ASP A 60 4.33 -7.70 3.65
N SER A 61 4.35 -8.79 4.40
CA SER A 61 3.16 -9.50 4.79
C SER A 61 3.30 -9.82 6.26
N VAL A 62 2.25 -9.55 7.04
CA VAL A 62 2.27 -9.71 8.47
C VAL A 62 1.07 -10.55 8.89
N LEU A 63 1.29 -11.52 9.77
CA LEU A 63 0.19 -12.30 10.34
C LEU A 63 -0.01 -11.76 11.74
N VAL A 64 -1.21 -11.29 12.05
CA VAL A 64 -1.61 -10.78 13.35
C VAL A 64 -2.66 -11.78 13.91
N GLY A 65 -2.46 -12.35 15.09
CA GLY A 65 -3.45 -13.28 15.61
C GLY A 65 -3.14 -14.21 16.77
N PRO A 66 -4.17 -14.70 17.52
CA PRO A 66 -5.60 -14.33 17.42
C PRO A 66 -5.83 -12.91 17.90
N VAL A 67 -6.86 -12.26 17.33
CA VAL A 67 -7.13 -10.89 17.70
C VAL A 67 -8.37 -10.82 18.57
N PRO A 68 -8.20 -10.40 19.82
CA PRO A 68 -9.37 -10.28 20.70
C PRO A 68 -10.28 -9.14 20.25
N ALA A 69 -11.52 -9.12 20.76
CA ALA A 69 -12.47 -8.07 20.43
C ALA A 69 -11.95 -6.69 20.89
N GLY A 70 -12.46 -5.63 20.29
CA GLY A 70 -12.04 -4.27 20.63
C GLY A 70 -11.26 -3.58 19.55
N ARG A 71 -10.68 -2.44 19.89
CA ARG A 71 -9.94 -1.66 18.92
C ARG A 71 -8.49 -2.04 18.88
N HIS A 72 -7.93 -2.13 17.69
CA HIS A 72 -6.53 -2.45 17.50
C HIS A 72 -5.89 -1.40 16.65
N MET A 73 -4.71 -0.98 17.01
CA MET A 73 -3.98 0.06 16.30
C MET A 73 -2.56 -0.40 16.15
N PHE A 74 -2.03 -0.37 14.93
CA PHE A 74 -0.65 -0.80 14.72
C PHE A 74 -0.02 -0.09 13.55
N VAL A 75 1.32 0.04 13.56
CA VAL A 75 2.02 0.69 12.45
C VAL A 75 2.57 -0.42 11.57
N PHE A 76 2.11 -0.46 10.34
CA PHE A 76 2.55 -1.46 9.38
C PHE A 76 3.64 -0.81 8.58
N GLN A 77 4.86 -1.31 8.68
CA GLN A 77 5.99 -0.75 7.95
C GLN A 77 6.51 -1.76 6.92
N ALA A 78 6.87 -1.29 5.72
CA ALA A 78 7.41 -2.19 4.70
C ALA A 78 8.50 -1.51 3.91
N ASP A 79 9.59 -2.22 3.59
CA ASP A 79 10.70 -1.66 2.80
C ASP A 79 10.23 -1.13 1.46
N ALA A 80 10.94 -0.14 0.92
CA ALA A 80 10.58 0.43 -0.39
C ALA A 80 10.76 -0.61 -1.48
N PRO A 81 10.03 -0.48 -2.61
CA PRO A 81 10.18 -1.46 -3.68
C PRO A 81 11.58 -1.60 -4.26
N ASN A 82 11.81 -2.71 -4.91
CA ASN A 82 13.05 -3.01 -5.58
C ASN A 82 13.01 -2.31 -6.91
N PRO A 83 13.82 -1.26 -7.11
CA PRO A 83 13.81 -0.57 -8.41
C PRO A 83 14.24 -1.44 -9.61
N GLY A 84 14.88 -2.57 -9.30
CA GLY A 84 15.28 -3.56 -10.30
C GLY A 84 14.11 -4.30 -10.92
N LEU A 85 12.89 -4.03 -10.49
CA LEU A 85 11.68 -4.63 -11.05
C LEU A 85 10.67 -3.55 -11.46
N ILE A 86 11.09 -2.27 -11.55
CA ILE A 86 10.17 -1.22 -11.95
C ILE A 86 10.52 -0.83 -13.36
N PRO A 87 9.63 -1.09 -14.33
CA PRO A 87 9.94 -0.69 -15.72
C PRO A 87 10.17 0.82 -15.82
N ASP A 88 11.22 1.24 -16.54
CA ASP A 88 11.59 2.65 -16.68
C ASP A 88 10.42 3.58 -17.01
N ALA A 89 9.59 3.19 -17.97
CA ALA A 89 8.46 4.01 -18.38
C ALA A 89 7.44 4.29 -17.27
N ASP A 90 7.40 3.44 -16.23
CA ASP A 90 6.47 3.56 -15.11
C ASP A 90 7.07 4.13 -13.83
N ALA A 91 8.39 4.28 -13.78
CA ALA A 91 9.07 4.73 -12.56
C ALA A 91 8.72 6.13 -12.15
N VAL A 92 8.71 7.10 -13.09
CA VAL A 92 8.43 8.48 -12.75
C VAL A 92 6.98 8.84 -13.05
N GLY A 93 6.31 9.36 -12.04
CA GLY A 93 4.91 9.74 -12.13
C GLY A 93 4.04 8.93 -11.19
N VAL A 94 2.75 8.89 -11.50
CA VAL A 94 1.80 8.19 -10.65
C VAL A 94 1.80 6.68 -10.78
N THR A 95 1.85 5.99 -9.63
CA THR A 95 1.68 4.55 -9.42
C THR A 95 0.69 4.34 -8.24
N VAL A 96 0.49 3.11 -7.77
CA VAL A 96 -0.44 2.82 -6.68
C VAL A 96 0.24 1.94 -5.63
N VAL A 97 -0.08 2.14 -4.37
CA VAL A 97 0.34 1.25 -3.30
C VAL A 97 -0.96 0.72 -2.66
N LEU A 98 -1.02 -0.59 -2.38
CA LEU A 98 -2.22 -1.21 -1.83
C LEU A 98 -1.94 -1.81 -0.48
N ILE A 99 -2.93 -1.79 0.38
CA ILE A 99 -2.89 -2.46 1.68
C ILE A 99 -4.07 -3.45 1.64
N THR A 100 -3.81 -4.76 1.85
CA THR A 100 -4.88 -5.74 1.80
C THR A 100 -4.94 -6.55 3.09
N CYS A 101 -6.14 -6.94 3.52
CA CYS A 101 -6.26 -7.83 4.66
C CYS A 101 -7.09 -9.03 4.35
N THR A 102 -6.64 -10.22 4.75
CA THR A 102 -7.41 -11.44 4.55
C THR A 102 -7.68 -12.14 5.88
N TYR A 103 -8.80 -12.84 5.99
CA TYR A 103 -9.12 -13.64 7.15
C TYR A 103 -9.47 -14.99 6.60
N ARG A 104 -8.72 -16.03 7.02
CA ARG A 104 -8.90 -17.38 6.52
C ARG A 104 -8.72 -17.46 5.01
N GLY A 105 -7.78 -16.69 4.48
CA GLY A 105 -7.51 -16.68 3.04
C GLY A 105 -8.45 -15.84 2.19
N GLN A 106 -9.49 -15.25 2.79
CA GLN A 106 -10.44 -14.43 2.05
C GLN A 106 -10.17 -12.95 2.24
N GLU A 107 -9.90 -12.21 1.15
CA GLU A 107 -9.64 -10.76 1.25
C GLU A 107 -10.91 -10.00 1.57
N PHE A 108 -10.92 -9.26 2.66
CA PHE A 108 -12.11 -8.50 3.04
C PHE A 108 -11.98 -6.98 2.91
N ILE A 109 -10.76 -6.49 2.66
CA ILE A 109 -10.54 -5.06 2.46
C ILE A 109 -9.32 -4.83 1.61
N ARG A 110 -9.41 -3.84 0.70
CA ARG A 110 -8.30 -3.41 -0.11
C ARG A 110 -8.26 -1.89 -0.09
N VAL A 111 -7.17 -1.29 0.42
CA VAL A 111 -7.03 0.19 0.49
C VAL A 111 -5.92 0.61 -0.42
N GLY A 112 -6.20 1.41 -1.41
CA GLY A 112 -5.19 1.84 -2.36
C GLY A 112 -4.95 3.32 -2.30
N TYR A 113 -3.72 3.72 -2.51
CA TYR A 113 -3.35 5.13 -2.54
C TYR A 113 -2.63 5.41 -3.83
N TYR A 114 -2.93 6.55 -4.48
CA TYR A 114 -2.15 6.94 -5.65
C TYR A 114 -0.83 7.50 -5.08
N VAL A 115 0.29 7.18 -5.71
CA VAL A 115 1.61 7.59 -5.25
C VAL A 115 2.24 8.37 -6.38
N ASN A 116 2.77 9.56 -6.12
CA ASN A 116 3.40 10.33 -7.16
C ASN A 116 4.90 10.37 -6.93
N ASN A 117 5.69 9.74 -7.82
CA ASN A 117 7.15 9.70 -7.70
C ASN A 117 7.70 10.78 -8.63
N GLU A 118 8.35 11.80 -8.06
CA GLU A 118 8.85 12.91 -8.86
C GLU A 118 10.19 13.43 -8.38
N TYR A 119 10.96 14.02 -9.29
CA TYR A 119 12.23 14.63 -8.93
C TYR A 119 11.98 15.94 -8.19
N THR A 120 12.96 16.40 -7.42
CA THR A 120 12.83 17.65 -6.67
C THR A 120 13.73 18.78 -7.19
N GLU A 121 14.74 18.46 -8.01
CA GLU A 121 15.63 19.46 -8.59
C GLU A 121 15.01 19.95 -9.90
N THR A 122 15.03 21.26 -10.13
CA THR A 122 14.42 21.86 -11.31
C THR A 122 14.96 21.27 -12.62
N GLU A 123 16.29 21.15 -12.77
CA GLU A 123 16.84 20.58 -13.99
C GLU A 123 16.32 19.17 -14.28
N LEU A 124 16.26 18.31 -13.25
CA LEU A 124 15.76 16.94 -13.41
C LEU A 124 14.29 16.92 -13.75
N ARG A 125 13.50 17.86 -13.19
CA ARG A 125 12.07 17.90 -13.48
C ARG A 125 11.81 18.33 -14.92
N GLU A 126 12.66 19.22 -15.45
CA GLU A 126 12.51 19.70 -16.82
C GLU A 126 13.10 18.72 -17.83
N ASN A 127 14.24 18.11 -17.49
CA ASN A 127 14.91 17.15 -18.36
C ASN A 127 15.19 15.83 -17.60
N PRO A 128 14.14 15.00 -17.41
CA PRO A 128 14.34 13.76 -16.66
C PRO A 128 15.29 12.79 -17.33
N PRO A 129 16.15 12.11 -16.55
CA PRO A 129 17.11 11.19 -17.17
C PRO A 129 16.43 10.00 -17.84
N VAL A 130 17.07 9.47 -18.90
CA VAL A 130 16.57 8.33 -19.66
C VAL A 130 16.36 7.13 -18.74
N LYS A 131 17.30 6.89 -17.84
CA LYS A 131 17.16 5.85 -16.84
C LYS A 131 16.77 6.57 -15.56
N PRO A 132 15.66 6.17 -14.93
CA PRO A 132 15.22 6.85 -13.70
C PRO A 132 16.24 6.78 -12.57
N ASP A 133 16.46 7.91 -11.89
CA ASP A 133 17.41 7.97 -10.79
C ASP A 133 16.64 7.92 -9.51
N PHE A 134 16.50 6.73 -8.94
CA PHE A 134 15.72 6.51 -7.72
C PHE A 134 16.29 7.22 -6.49
N SER A 135 17.60 7.48 -6.47
CA SER A 135 18.20 8.23 -5.36
C SER A 135 17.81 9.73 -5.38
N LYS A 136 17.23 10.22 -6.48
CA LYS A 136 16.78 11.61 -6.59
C LYS A 136 15.24 11.74 -6.63
N LEU A 137 14.49 10.62 -6.55
CA LEU A 137 13.04 10.67 -6.60
C LEU A 137 12.47 10.88 -5.23
N GLN A 138 11.39 11.65 -5.16
CA GLN A 138 10.65 11.86 -3.93
C GLN A 138 9.30 11.19 -4.08
N ARG A 139 8.94 10.35 -3.12
CA ARG A 139 7.67 9.66 -3.11
C ARG A 139 6.64 10.49 -2.35
N ASN A 140 5.53 10.82 -3.03
CA ASN A 140 4.45 11.55 -2.38
C ASN A 140 3.19 10.72 -2.46
N ILE A 141 2.84 10.03 -1.36
CA ILE A 141 1.62 9.23 -1.31
C ILE A 141 0.46 10.23 -1.23
N LEU A 142 -0.49 10.19 -2.17
CA LEU A 142 -1.62 11.11 -2.16
C LEU A 142 -2.61 10.58 -1.12
N ALA A 143 -2.30 10.84 0.16
CA ALA A 143 -2.98 10.33 1.35
C ALA A 143 -4.37 10.88 1.61
N SER A 144 -4.67 12.03 1.05
CA SER A 144 -5.96 12.69 1.20
C SER A 144 -7.11 12.01 0.42
N ASN A 145 -6.78 11.06 -0.49
CA ASN A 145 -7.79 10.36 -1.31
C ASN A 145 -7.51 8.86 -1.45
N PRO A 146 -7.89 8.06 -0.44
CA PRO A 146 -7.69 6.60 -0.55
C PRO A 146 -8.84 5.92 -1.28
N ARG A 147 -8.52 4.88 -2.04
CA ARG A 147 -9.49 4.12 -2.79
C ARG A 147 -9.76 2.86 -2.04
N VAL A 148 -10.95 2.71 -1.45
CA VAL A 148 -11.22 1.54 -0.62
C VAL A 148 -12.24 0.62 -1.24
N THR A 149 -12.07 -0.69 -1.04
CA THR A 149 -13.04 -1.71 -1.43
C THR A 149 -13.18 -2.71 -0.30
N ARG A 150 -14.43 -2.98 0.13
CA ARG A 150 -14.68 -3.95 1.18
C ARG A 150 -15.50 -5.06 0.59
N PHE A 151 -15.00 -6.28 0.70
CA PHE A 151 -15.65 -7.47 0.15
C PHE A 151 -16.28 -8.24 1.30
N HIS A 152 -17.52 -8.66 1.15
CA HIS A 152 -18.20 -9.38 2.21
C HIS A 152 -17.79 -10.83 2.11
N ILE A 153 -17.04 -11.36 3.11
CA ILE A 153 -16.51 -12.73 3.17
C ILE A 153 -17.27 -13.61 4.19
N ASN A 154 -16.91 -14.91 4.33
CA ASN A 154 -17.50 -15.81 5.32
C ASN A 154 -16.71 -15.72 6.65
N TRP A 155 -17.32 -15.14 7.71
CA TRP A 155 -16.64 -15.08 9.02
C TRP A 155 -17.09 -16.21 9.97
N GLU A 156 -17.88 -17.20 9.49
CA GLU A 156 -18.42 -18.33 10.25
C GLU A 156 -19.45 -17.86 11.29
N GLU B 2 -7.85 5.49 -17.73
CA GLU B 2 -7.95 4.05 -18.03
C GLU B 2 -6.59 3.29 -17.97
N LYS B 3 -5.54 3.94 -17.46
CA LYS B 3 -4.23 3.33 -17.21
C LYS B 3 -4.45 2.37 -16.04
N ALA B 5 -7.13 0.72 -15.27
CA ALA B 5 -8.27 -0.17 -15.48
C ALA B 5 -8.00 -1.58 -14.96
N ARG B 6 -6.71 -1.98 -14.84
CA ARG B 6 -6.35 -3.28 -14.32
C ARG B 6 -6.83 -3.41 -12.86
N LEU B 7 -6.52 -2.39 -12.04
CA LEU B 7 -6.88 -2.39 -10.62
C LEU B 7 -8.38 -2.19 -10.35
N ALA B 11 -12.58 2.72 -4.66
CA ALA B 11 -12.83 4.19 -4.75
C ALA B 11 -13.57 4.60 -3.49
#